data_2YGO
#
_entry.id   2YGO
#
_cell.length_a   50.996
_cell.length_b   134.260
_cell.length_c   60.403
_cell.angle_alpha   90.00
_cell.angle_beta   90.00
_cell.angle_gamma   90.00
#
_symmetry.space_group_name_H-M   'C 2 2 2'
#
loop_
_entity.id
_entity.type
_entity.pdbx_description
1 polymer 'WNT INHIBITORY FACTOR 1'
2 non-polymer 1,2-DIACYL-SN-GLYCERO-3-PHOSHOCHOLINE
3 non-polymer 2-acetamido-2-deoxy-beta-D-glucopyranose
4 non-polymer 'SODIUM ION'
5 water water
#
_entity_poly.entity_id   1
_entity_poly.type   'polypeptide(L)'
_entity_poly.pdbx_seq_one_letter_code
;ETGSLYLWIDAHQARVLIGFEEDILIVSEG(MLY)MAPFTHDFR(MLY)AQQRMPAIPVNIHSMNFTWQAAGQAEYFYEF
LSLRSLD(MLY)GIMADPTVNVPLLGTVPH(MLY)ASVVQVGFPCLG(MLY)QDGVAAFEVDVIVMNSEGNTIL(MLY)T
PQNAIFFKTCQQAECPGGCRNGGFCNERRICECPDGFHGPHCEGTKHHHHHH
;
_entity_poly.pdbx_strand_id   A
#
loop_
_chem_comp.id
_chem_comp.type
_chem_comp.name
_chem_comp.formula
NA non-polymer 'SODIUM ION' 'Na 1'
NAG D-saccharide, beta linking 2-acetamido-2-deoxy-beta-D-glucopyranose 'C8 H15 N O6'
PCF non-polymer 1,2-DIACYL-SN-GLYCERO-3-PHOSHOCHOLINE 'C40 H80 N O8 P'
#
# COMPACT_ATOMS: atom_id res chain seq x y z
N THR A 2 -16.27 -12.07 -21.40
CA THR A 2 -16.22 -10.73 -21.99
C THR A 2 -15.16 -9.81 -21.35
N GLY A 3 -15.29 -9.50 -20.06
CA GLY A 3 -14.35 -8.68 -19.32
C GLY A 3 -13.07 -9.44 -19.04
N SER A 4 -11.91 -8.74 -18.94
CA SER A 4 -10.62 -9.44 -18.74
C SER A 4 -9.77 -8.95 -17.59
N LEU A 5 -10.12 -7.81 -16.96
CA LEU A 5 -9.30 -7.29 -15.87
C LEU A 5 -9.49 -8.06 -14.58
N TYR A 6 -8.38 -8.29 -13.87
CA TYR A 6 -8.42 -8.97 -12.55
C TYR A 6 -7.54 -8.22 -11.59
N LEU A 7 -7.98 -8.11 -10.32
CA LEU A 7 -7.21 -7.55 -9.22
C LEU A 7 -7.52 -8.42 -8.02
N TRP A 8 -6.46 -8.93 -7.36
CA TRP A 8 -6.64 -9.77 -6.17
C TRP A 8 -5.48 -9.66 -5.22
N ILE A 9 -5.67 -10.17 -4.00
CA ILE A 9 -4.61 -10.28 -3.01
C ILE A 9 -4.25 -11.77 -2.97
N ASP A 10 -2.99 -12.13 -3.27
CA ASP A 10 -2.56 -13.55 -3.29
C ASP A 10 -2.75 -14.22 -1.94
N ALA A 11 -3.00 -15.54 -1.96
CA ALA A 11 -3.22 -16.37 -0.76
C ALA A 11 -2.18 -16.17 0.35
N HIS A 12 -0.89 -16.06 0.00
CA HIS A 12 0.18 -15.86 0.99
C HIS A 12 0.05 -14.49 1.67
N GLN A 13 -0.14 -13.41 0.88
CA GLN A 13 -0.32 -12.06 1.44
C GLN A 13 -1.60 -11.98 2.30
N ALA A 14 -2.69 -12.63 1.86
CA ALA A 14 -3.96 -12.66 2.58
C ALA A 14 -3.79 -13.33 3.96
N ARG A 15 -2.97 -14.41 4.03
CA ARG A 15 -2.69 -15.10 5.27
C ARG A 15 -2.01 -14.18 6.30
N VAL A 16 -0.94 -13.44 5.89
CA VAL A 16 -0.25 -12.50 6.81
C VAL A 16 -1.16 -11.37 7.30
N LEU A 17 -2.10 -10.94 6.45
CA LEU A 17 -3.01 -9.86 6.76
C LEU A 17 -4.22 -10.23 7.60
N ILE A 18 -4.97 -11.28 7.21
CA ILE A 18 -6.22 -11.69 7.89
C ILE A 18 -6.23 -13.08 8.53
N GLY A 19 -5.21 -13.88 8.27
CA GLY A 19 -5.13 -15.22 8.86
C GLY A 19 -5.63 -16.37 8.01
N PHE A 20 -6.28 -16.07 6.86
CA PHE A 20 -6.81 -17.10 5.97
C PHE A 20 -6.06 -17.15 4.64
N GLU A 21 -5.50 -18.32 4.34
CA GLU A 21 -4.71 -18.53 3.12
C GLU A 21 -5.59 -18.88 1.93
N GLU A 22 -6.25 -17.85 1.39
CA GLU A 22 -7.14 -17.90 0.25
C GLU A 22 -7.01 -16.57 -0.51
N ASP A 23 -7.02 -16.62 -1.84
CA ASP A 23 -6.95 -15.39 -2.65
C ASP A 23 -8.16 -14.52 -2.30
N ILE A 24 -7.98 -13.20 -2.16
CA ILE A 24 -9.09 -12.27 -1.92
C ILE A 24 -9.32 -11.59 -3.25
N LEU A 25 -10.46 -11.87 -3.89
CA LEU A 25 -10.80 -11.31 -5.19
C LEU A 25 -11.38 -9.91 -5.04
N ILE A 26 -10.84 -8.94 -5.76
CA ILE A 26 -11.31 -7.53 -5.71
C ILE A 26 -12.01 -7.18 -7.01
N VAL A 27 -11.39 -7.52 -8.15
CA VAL A 27 -12.01 -7.32 -9.46
C VAL A 27 -11.89 -8.66 -10.22
N SER A 28 -12.97 -9.12 -10.83
CA SER A 28 -12.94 -10.36 -11.62
C SER A 28 -13.67 -10.11 -12.92
N GLU A 29 -12.98 -10.35 -14.05
CA GLU A 29 -13.50 -10.15 -15.41
C GLU A 29 -14.05 -8.72 -15.59
N GLY A 30 -13.29 -7.74 -15.08
CA GLY A 30 -13.63 -6.33 -15.17
C GLY A 30 -14.76 -5.86 -14.27
N MLY A 31 -15.22 -6.70 -13.33
CA MLY A 31 -16.32 -6.31 -12.43
CB MLY A 31 -17.43 -7.38 -12.52
CG MLY A 31 -17.92 -7.56 -13.98
CD MLY A 31 -19.04 -6.57 -14.31
CE MLY A 31 -18.77 -5.93 -15.71
NZ MLY A 31 -19.82 -4.95 -16.10
CH1 MLY A 31 -19.50 -4.51 -17.48
CH2 MLY A 31 -19.70 -3.77 -15.23
C MLY A 31 -15.88 -6.32 -10.98
O MLY A 31 -15.29 -7.31 -10.51
N MET A 32 -16.23 -5.26 -10.23
CA MET A 32 -15.93 -5.15 -8.79
C MET A 32 -16.56 -6.32 -8.04
N ALA A 33 -15.85 -6.90 -7.08
CA ALA A 33 -16.35 -8.04 -6.28
C ALA A 33 -17.61 -7.63 -5.47
N PRO A 34 -18.57 -8.58 -5.24
CA PRO A 34 -19.81 -8.24 -4.52
C PRO A 34 -19.63 -7.55 -3.18
N PHE A 35 -18.61 -7.93 -2.36
CA PHE A 35 -18.36 -7.30 -1.04
C PHE A 35 -18.09 -5.79 -1.12
N THR A 36 -17.65 -5.30 -2.31
CA THR A 36 -17.31 -3.90 -2.53
C THR A 36 -18.49 -2.98 -2.86
N HIS A 37 -19.65 -3.54 -3.28
CA HIS A 37 -20.83 -2.73 -3.67
C HIS A 37 -21.31 -1.80 -2.55
N ASP A 38 -21.47 -2.34 -1.33
CA ASP A 38 -21.83 -1.53 -0.16
C ASP A 38 -20.48 -1.25 0.49
N PHE A 39 -19.77 -0.26 -0.03
CA PHE A 39 -18.42 0.05 0.43
C PHE A 39 -18.29 0.44 1.90
N ARG A 40 -19.24 1.22 2.44
CA ARG A 40 -19.17 1.62 3.86
C ARG A 40 -19.26 0.42 4.79
N MLY A 41 -20.06 -0.58 4.40
CA MLY A 41 -20.18 -1.81 5.19
CB MLY A 41 -21.42 -2.61 4.75
CG MLY A 41 -21.39 -4.00 5.35
CD MLY A 41 -22.81 -4.55 5.40
CE MLY A 41 -22.92 -5.55 6.59
NZ MLY A 41 -21.61 -6.05 7.06
CH1 MLY A 41 -21.21 -7.21 6.22
CH2 MLY A 41 -21.74 -6.47 8.49
C MLY A 41 -18.86 -2.61 5.07
O MLY A 41 -18.39 -3.15 6.07
N ALA A 42 -18.26 -2.66 3.86
CA ALA A 42 -16.99 -3.33 3.63
C ALA A 42 -15.87 -2.66 4.45
N GLN A 43 -15.82 -1.30 4.48
CA GLN A 43 -14.82 -0.52 5.22
C GLN A 43 -14.86 -0.78 6.71
N GLN A 44 -16.06 -0.95 7.27
CA GLN A 44 -16.18 -1.20 8.71
C GLN A 44 -15.70 -2.61 9.14
N ARG A 45 -15.51 -3.52 8.17
CA ARG A 45 -14.95 -4.85 8.34
C ARG A 45 -13.42 -4.87 8.03
N MET A 46 -12.83 -3.72 7.65
CA MET A 46 -11.41 -3.60 7.33
C MET A 46 -10.67 -3.07 8.56
N PRO A 47 -9.88 -3.89 9.30
CA PRO A 47 -9.18 -3.33 10.47
C PRO A 47 -7.95 -2.51 10.03
N ALA A 48 -7.44 -1.63 10.90
CA ALA A 48 -6.23 -0.85 10.66
C ALA A 48 -5.08 -1.80 10.42
N ILE A 49 -4.30 -1.58 9.31
CA ILE A 49 -3.14 -2.42 8.92
C ILE A 49 -2.19 -2.50 10.13
N PRO A 50 -1.83 -3.72 10.60
CA PRO A 50 -0.99 -3.81 11.81
C PRO A 50 0.44 -3.31 11.69
N VAL A 51 1.06 -3.06 12.86
CA VAL A 51 2.44 -2.57 12.98
C VAL A 51 3.51 -3.44 12.26
N ASN A 52 3.32 -4.77 12.20
CA ASN A 52 4.27 -5.70 11.60
C ASN A 52 4.25 -5.70 10.07
N ILE A 53 3.24 -5.07 9.47
CA ILE A 53 3.10 -5.01 8.00
C ILE A 53 3.54 -3.62 7.53
N HIS A 54 4.64 -3.53 6.74
CA HIS A 54 5.16 -2.26 6.23
C HIS A 54 4.71 -1.99 4.77
N SER A 55 4.19 -3.03 4.10
CA SER A 55 3.73 -2.93 2.71
C SER A 55 2.80 -4.09 2.40
N MET A 56 2.03 -3.96 1.33
CA MET A 56 1.06 -4.97 0.93
C MET A 56 1.18 -5.25 -0.58
N ASN A 57 1.06 -6.52 -0.97
CA ASN A 57 1.16 -6.93 -2.38
C ASN A 57 -0.19 -7.14 -2.98
N PHE A 58 -0.49 -6.46 -4.09
CA PHE A 58 -1.71 -6.67 -4.88
C PHE A 58 -1.26 -7.29 -6.19
N THR A 59 -2.08 -8.14 -6.77
CA THR A 59 -1.76 -8.76 -8.05
C THR A 59 -2.80 -8.32 -9.09
N TRP A 60 -2.35 -7.93 -10.28
CA TRP A 60 -3.29 -7.55 -11.32
C TRP A 60 -2.88 -8.08 -12.66
N GLN A 61 -3.85 -8.15 -13.55
CA GLN A 61 -3.66 -8.53 -14.95
C GLN A 61 -4.79 -8.10 -15.85
N ALA A 62 -4.44 -7.85 -17.12
CA ALA A 62 -5.37 -7.50 -18.19
C ALA A 62 -5.13 -8.68 -19.11
N ALA A 63 -5.86 -9.74 -18.83
CA ALA A 63 -5.77 -11.09 -19.31
C ALA A 63 -6.16 -11.41 -20.76
N GLY A 64 -6.70 -10.42 -21.49
CA GLY A 64 -7.12 -10.58 -22.87
C GLY A 64 -6.24 -9.84 -23.86
N GLN A 65 -6.79 -9.40 -25.02
CA GLN A 65 -6.07 -8.63 -26.05
C GLN A 65 -6.30 -7.12 -25.93
N ALA A 66 -7.36 -6.70 -25.23
CA ALA A 66 -7.67 -5.29 -25.02
C ALA A 66 -6.62 -4.65 -24.10
N GLU A 67 -6.26 -3.37 -24.34
CA GLU A 67 -5.28 -2.66 -23.52
C GLU A 67 -6.00 -1.80 -22.51
N TYR A 68 -5.47 -1.76 -21.29
CA TYR A 68 -6.04 -0.95 -20.21
C TYR A 68 -4.94 -0.16 -19.59
N PHE A 69 -5.28 1.03 -19.08
CA PHE A 69 -4.32 1.98 -18.51
C PHE A 69 -4.75 2.31 -17.11
N TYR A 70 -3.83 2.30 -16.17
CA TYR A 70 -4.14 2.68 -14.80
C TYR A 70 -3.51 4.02 -14.48
N GLU A 71 -4.03 4.70 -13.47
CA GLU A 71 -3.43 5.94 -12.99
C GLU A 71 -3.71 6.13 -11.52
N PHE A 72 -2.64 6.34 -10.74
CA PHE A 72 -2.74 6.66 -9.32
C PHE A 72 -2.94 8.18 -9.21
N LEU A 73 -4.18 8.59 -8.90
CA LEU A 73 -4.58 10.01 -8.79
C LEU A 73 -4.23 10.64 -7.46
N SER A 74 -4.25 9.84 -6.40
CA SER A 74 -3.90 10.32 -5.05
C SER A 74 -3.27 9.21 -4.25
N LEU A 75 -2.13 9.52 -3.66
CA LEU A 75 -1.38 8.66 -2.72
C LEU A 75 -1.07 9.64 -1.59
N ARG A 76 -1.95 9.67 -0.59
CA ARG A 76 -1.89 10.72 0.42
C ARG A 76 -2.10 10.25 1.85
N SER A 77 -1.23 10.67 2.78
CA SER A 77 -1.43 10.38 4.20
C SER A 77 -2.17 11.60 4.76
N LEU A 78 -3.22 11.38 5.56
CA LEU A 78 -3.98 12.48 6.19
C LEU A 78 -3.42 12.77 7.62
N ASP A 79 -2.38 12.02 8.04
CA ASP A 79 -1.72 12.14 9.35
C ASP A 79 -0.22 12.10 9.09
N MLY A 80 0.29 13.17 8.46
CA MLY A 80 1.68 13.32 8.01
CB MLY A 80 1.85 14.53 7.06
CG MLY A 80 1.13 14.18 5.73
CD MLY A 80 1.75 14.79 4.45
CE MLY A 80 0.77 14.67 3.23
NZ MLY A 80 0.36 16.02 2.72
CH1 MLY A 80 -0.60 15.87 1.60
CH2 MLY A 80 1.56 16.77 2.21
C MLY A 80 2.75 13.16 9.09
O MLY A 80 3.88 12.80 8.76
N GLY A 81 2.40 13.45 10.35
CA GLY A 81 3.30 13.31 11.48
C GLY A 81 3.47 11.88 11.95
N ILE A 82 2.51 11.01 11.56
CA ILE A 82 2.51 9.59 11.91
C ILE A 82 3.14 8.75 10.79
N MET A 83 2.58 8.89 9.56
CA MET A 83 3.00 8.13 8.38
C MET A 83 3.16 9.09 7.22
N ALA A 84 4.19 8.91 6.41
CA ALA A 84 4.36 9.71 5.20
C ALA A 84 3.38 9.17 4.13
N ASP A 85 3.30 9.81 2.98
CA ASP A 85 2.38 9.40 1.91
C ASP A 85 2.61 7.95 1.51
N PRO A 86 1.54 7.15 1.27
CA PRO A 86 1.77 5.79 0.80
C PRO A 86 2.46 5.82 -0.57
N THR A 87 3.17 4.75 -0.87
CA THR A 87 3.92 4.67 -2.12
C THR A 87 3.53 3.43 -2.91
N VAL A 88 3.88 3.40 -4.21
CA VAL A 88 3.68 2.22 -5.10
C VAL A 88 5.01 1.99 -5.84
N ASN A 89 5.34 0.75 -6.17
CA ASN A 89 6.62 0.43 -6.82
C ASN A 89 6.51 0.37 -8.35
N VAL A 90 5.48 1.06 -8.90
CA VAL A 90 5.23 1.13 -10.33
C VAL A 90 5.11 2.63 -10.72
N PRO A 91 5.30 2.99 -12.01
CA PRO A 91 5.05 4.37 -12.43
C PRO A 91 3.59 4.77 -12.13
N LEU A 92 3.32 6.06 -11.86
CA LEU A 92 1.95 6.53 -11.52
C LEU A 92 0.92 6.34 -12.63
N LEU A 93 1.35 6.39 -13.89
CA LEU A 93 0.49 6.14 -15.05
C LEU A 93 1.19 5.06 -15.89
N GLY A 94 0.44 4.04 -16.28
CA GLY A 94 1.00 2.97 -17.09
C GLY A 94 -0.05 2.04 -17.64
N THR A 95 0.42 0.96 -18.28
CA THR A 95 -0.43 -0.07 -18.85
CA THR A 95 -0.51 -0.04 -18.80
C THR A 95 -0.67 -1.15 -17.79
N VAL A 96 -1.88 -1.72 -17.71
CA VAL A 96 -2.14 -2.85 -16.84
C VAL A 96 -1.46 -4.04 -17.56
N PRO A 97 -0.54 -4.77 -16.91
CA PRO A 97 0.19 -5.84 -17.65
C PRO A 97 -0.66 -7.02 -18.06
N HIS A 98 -0.32 -7.62 -19.20
CA HIS A 98 -1.02 -8.81 -19.65
C HIS A 98 -0.61 -10.03 -18.79
N MLY A 99 0.64 -10.08 -18.38
CA MLY A 99 1.08 -11.15 -17.48
CB MLY A 99 2.54 -11.37 -17.62
CG MLY A 99 2.86 -12.72 -16.87
CD MLY A 99 4.07 -12.33 -16.06
CE MLY A 99 4.62 -13.46 -15.16
NZ MLY A 99 5.87 -13.03 -14.53
CH1 MLY A 99 6.96 -13.25 -15.55
CH2 MLY A 99 6.24 -13.98 -13.46
C MLY A 99 0.80 -10.69 -16.03
O MLY A 99 1.18 -9.57 -15.67
N ALA A 100 0.18 -11.57 -15.20
CA ALA A 100 -0.10 -11.22 -13.79
C ALA A 100 1.15 -10.77 -13.07
N SER A 101 1.07 -9.59 -12.43
CA SER A 101 2.22 -8.93 -11.81
C SER A 101 1.82 -8.32 -10.47
N VAL A 102 2.80 -8.18 -9.59
CA VAL A 102 2.61 -7.68 -8.23
C VAL A 102 2.89 -6.18 -8.16
N VAL A 103 1.98 -5.43 -7.53
CA VAL A 103 2.14 -4.01 -7.22
C VAL A 103 2.27 -3.98 -5.69
N GLN A 104 3.39 -3.43 -5.19
CA GLN A 104 3.64 -3.32 -3.76
C GLN A 104 3.24 -1.93 -3.28
N VAL A 105 2.27 -1.85 -2.35
CA VAL A 105 1.87 -0.55 -1.79
C VAL A 105 2.63 -0.42 -0.44
N GLY A 106 3.39 0.65 -0.24
CA GLY A 106 4.17 0.86 0.99
C GLY A 106 3.46 1.80 1.95
N PHE A 107 3.59 1.52 3.27
CA PHE A 107 2.97 2.33 4.32
C PHE A 107 4.10 2.87 5.24
N PRO A 108 4.73 4.02 4.89
CA PRO A 108 5.93 4.46 5.61
C PRO A 108 5.74 5.16 6.95
N CYS A 109 5.55 4.38 8.02
CA CYS A 109 5.45 4.96 9.39
C CYS A 109 6.77 5.67 9.68
N LEU A 110 6.70 6.91 10.14
CA LEU A 110 7.91 7.70 10.40
C LEU A 110 8.72 7.27 11.63
N GLY A 111 8.07 6.59 12.57
CA GLY A 111 8.68 6.11 13.80
C GLY A 111 8.83 7.18 14.86
N MLY A 112 8.22 8.35 14.65
CA MLY A 112 8.27 9.44 15.61
CB MLY A 112 8.09 10.82 14.90
CG MLY A 112 9.03 11.09 13.70
CD MLY A 112 8.90 12.59 13.28
CE MLY A 112 8.61 12.83 11.77
NZ MLY A 112 8.53 14.30 11.40
CH1 MLY A 112 7.68 14.50 10.19
CH2 MLY A 112 9.88 14.76 11.01
C MLY A 112 7.09 9.39 16.61
O MLY A 112 7.24 9.84 17.75
N GLN A 113 5.92 8.84 16.17
CA GLN A 113 4.71 8.75 16.97
CA GLN A 113 4.70 8.75 16.97
C GLN A 113 4.05 7.38 16.89
N ASP A 114 3.32 6.99 17.96
CA ASP A 114 2.55 5.76 18.01
C ASP A 114 1.13 6.24 17.68
N GLY A 115 0.43 5.53 16.81
CA GLY A 115 -0.92 5.92 16.47
C GLY A 115 -1.40 5.33 15.15
N VAL A 116 -2.61 5.73 14.75
CA VAL A 116 -3.24 5.23 13.54
C VAL A 116 -3.29 6.36 12.52
N ALA A 117 -2.73 6.15 11.31
CA ALA A 117 -2.74 7.17 10.26
C ALA A 117 -3.79 6.82 9.22
N ALA A 118 -4.61 7.80 8.86
CA ALA A 118 -5.62 7.68 7.79
C ALA A 118 -4.90 8.00 6.47
N PHE A 119 -5.26 7.29 5.40
CA PHE A 119 -4.60 7.54 4.11
C PHE A 119 -5.52 7.18 2.96
N GLU A 120 -5.17 7.68 1.77
CA GLU A 120 -5.89 7.50 0.53
C GLU A 120 -4.99 6.86 -0.53
N VAL A 121 -5.59 5.94 -1.29
CA VAL A 121 -5.02 5.31 -2.51
C VAL A 121 -6.14 5.37 -3.55
N ASP A 122 -6.19 6.48 -4.32
CA ASP A 122 -7.20 6.66 -5.36
C ASP A 122 -6.57 6.27 -6.70
N VAL A 123 -7.10 5.22 -7.30
CA VAL A 123 -6.61 4.69 -8.57
C VAL A 123 -7.79 4.56 -9.53
N ILE A 124 -7.55 4.76 -10.82
CA ILE A 124 -8.54 4.57 -11.88
C ILE A 124 -7.95 3.62 -12.94
N VAL A 125 -8.82 2.90 -13.65
CA VAL A 125 -8.47 2.09 -14.82
C VAL A 125 -9.30 2.63 -15.96
N MET A 126 -8.63 2.89 -17.11
CA MET A 126 -9.28 3.42 -18.31
C MET A 126 -9.14 2.42 -19.43
N ASN A 127 -10.12 2.37 -20.33
CA ASN A 127 -10.01 1.51 -21.53
C ASN A 127 -9.32 2.34 -22.64
N SER A 128 -9.13 1.74 -23.83
CA SER A 128 -8.45 2.40 -24.95
C SER A 128 -9.26 3.57 -25.58
N GLU A 129 -10.52 3.76 -25.14
CA GLU A 129 -11.38 4.87 -25.56
C GLU A 129 -11.21 6.06 -24.59
N GLY A 130 -10.38 5.89 -23.55
CA GLY A 130 -10.10 6.92 -22.54
C GLY A 130 -11.14 7.07 -21.45
N ASN A 131 -12.13 6.17 -21.40
CA ASN A 131 -13.17 6.22 -20.37
C ASN A 131 -12.76 5.46 -19.11
N THR A 132 -13.04 6.02 -17.92
CA THR A 132 -12.75 5.33 -16.64
C THR A 132 -13.78 4.22 -16.48
N ILE A 133 -13.32 2.95 -16.35
CA ILE A 133 -14.19 1.79 -16.18
C ILE A 133 -14.17 1.23 -14.74
N LEU A 134 -13.10 1.48 -13.98
CA LEU A 134 -12.98 1.02 -12.59
C LEU A 134 -12.24 2.09 -11.81
N MLY A 135 -12.56 2.22 -10.51
CA MLY A 135 -11.86 3.18 -9.67
CB MLY A 135 -12.32 4.62 -9.86
CG MLY A 135 -13.79 4.89 -9.53
CD MLY A 135 -14.09 6.35 -9.94
CE MLY A 135 -15.31 6.93 -9.17
NZ MLY A 135 -16.22 7.77 -10.01
CH1 MLY A 135 -15.45 8.83 -10.73
CH2 MLY A 135 -17.21 8.44 -9.13
C MLY A 135 -12.01 2.87 -8.18
O MLY A 135 -12.96 2.21 -7.80
N THR A 136 -11.09 3.39 -7.35
CA THR A 136 -11.23 3.26 -5.90
C THR A 136 -12.61 3.92 -5.56
N PRO A 137 -13.46 3.29 -4.74
CA PRO A 137 -14.74 3.96 -4.37
C PRO A 137 -14.52 5.39 -3.87
N GLN A 138 -15.40 6.32 -4.26
CA GLN A 138 -15.29 7.73 -3.86
C GLN A 138 -15.22 7.92 -2.36
N ASN A 139 -14.29 8.77 -1.90
CA ASN A 139 -14.05 9.10 -0.49
C ASN A 139 -13.56 7.93 0.36
N ALA A 140 -13.00 6.89 -0.26
CA ALA A 140 -12.47 5.75 0.53
C ALA A 140 -11.27 6.20 1.40
N ILE A 141 -11.27 5.80 2.69
CA ILE A 141 -10.21 6.05 3.67
C ILE A 141 -9.72 4.68 4.19
N PHE A 142 -8.39 4.51 4.31
CA PHE A 142 -7.76 3.29 4.81
C PHE A 142 -6.91 3.67 6.02
N PHE A 143 -6.58 2.72 6.88
CA PHE A 143 -5.88 3.04 8.12
C PHE A 143 -4.66 2.15 8.37
N LYS A 144 -3.59 2.75 8.92
CA LYS A 144 -2.35 2.02 9.21
C LYS A 144 -1.91 2.22 10.66
N THR A 145 -1.61 1.14 11.38
CA THR A 145 -1.13 1.27 12.78
C THR A 145 0.38 1.47 12.73
N CYS A 146 0.88 2.55 13.34
CA CYS A 146 2.30 2.91 13.42
C CYS A 146 2.79 2.89 14.88
N GLN A 147 4.08 2.54 15.05
CA GLN A 147 4.73 2.51 16.36
C GLN A 147 5.90 3.50 16.40
N GLN A 148 6.26 4.00 17.61
CA GLN A 148 7.42 4.89 17.78
C GLN A 148 8.64 3.99 17.73
N ALA A 149 9.69 4.39 17.00
CA ALA A 149 10.89 3.56 16.87
C ALA A 149 11.76 3.60 18.11
N GLU A 150 12.32 2.43 18.47
CA GLU A 150 13.21 2.25 19.62
C GLU A 150 14.30 1.27 19.18
N CYS A 151 15.51 1.81 18.91
CA CYS A 151 16.65 1.01 18.45
C CYS A 151 17.43 0.38 19.60
N PRO A 152 17.87 -0.90 19.46
CA PRO A 152 18.65 -1.52 20.54
C PRO A 152 20.00 -0.81 20.72
N GLY A 153 20.18 -0.21 21.89
CA GLY A 153 21.38 0.54 22.24
C GLY A 153 21.35 2.01 21.83
N GLY A 154 20.25 2.44 21.21
CA GLY A 154 20.03 3.81 20.76
C GLY A 154 20.90 4.27 19.60
N CYS A 155 20.59 5.47 19.05
CA CYS A 155 21.34 6.09 17.95
C CYS A 155 22.09 7.31 18.47
N ARG A 156 23.43 7.29 18.34
CA ARG A 156 24.32 8.37 18.80
C ARG A 156 24.54 9.40 17.67
N ASN A 157 25.26 10.51 17.99
CA ASN A 157 25.61 11.62 17.08
C ASN A 157 24.40 12.25 16.37
N GLY A 158 23.32 12.50 17.11
CA GLY A 158 22.10 13.10 16.57
C GLY A 158 21.31 12.21 15.63
N GLY A 159 21.65 10.92 15.62
CA GLY A 159 20.99 9.92 14.78
C GLY A 159 19.61 9.59 15.32
N PHE A 160 18.74 9.09 14.43
CA PHE A 160 17.39 8.72 14.83
C PHE A 160 17.01 7.32 14.43
N CYS A 161 16.25 6.63 15.28
CA CYS A 161 15.86 5.27 14.93
C CYS A 161 14.69 5.27 13.98
N ASN A 162 14.78 4.47 12.93
CA ASN A 162 13.69 4.32 11.97
C ASN A 162 12.82 3.11 12.34
N GLU A 163 11.67 2.94 11.69
CA GLU A 163 10.77 1.83 12.01
C GLU A 163 11.25 0.40 11.65
N ARG A 164 12.41 0.26 10.98
CA ARG A 164 13.02 -1.04 10.65
C ARG A 164 14.04 -1.41 11.75
N ARG A 165 14.11 -0.59 12.81
CA ARG A 165 15.03 -0.69 13.97
C ARG A 165 16.51 -0.62 13.54
N ILE A 166 16.79 0.26 12.57
CA ILE A 166 18.12 0.57 12.01
C ILE A 166 18.39 2.05 12.28
N CYS A 167 19.63 2.40 12.68
CA CYS A 167 19.95 3.80 12.95
C CYS A 167 20.12 4.64 11.67
N GLU A 168 19.49 5.82 11.67
CA GLU A 168 19.51 6.83 10.61
C GLU A 168 20.64 7.81 11.00
N CYS A 169 21.87 7.54 10.54
CA CYS A 169 23.09 8.27 10.89
C CYS A 169 23.42 9.48 10.03
N PRO A 170 23.77 10.62 10.62
CA PRO A 170 24.08 11.81 9.82
C PRO A 170 25.49 11.80 9.24
N ASP A 171 25.95 13.00 8.88
CA ASP A 171 27.17 13.20 8.13
C ASP A 171 28.36 12.49 8.72
N GLY A 172 29.10 11.78 7.89
CA GLY A 172 30.36 11.20 8.33
C GLY A 172 30.22 10.30 9.54
N PHE A 173 29.07 9.68 9.72
CA PHE A 173 28.88 8.74 10.81
C PHE A 173 28.25 7.45 10.30
N HIS A 174 28.85 6.31 10.61
CA HIS A 174 28.33 5.03 10.14
C HIS A 174 28.23 3.99 11.27
N GLY A 175 27.74 2.81 10.92
CA GLY A 175 27.63 1.69 11.85
C GLY A 175 26.27 1.54 12.53
N PRO A 176 26.13 0.51 13.40
CA PRO A 176 24.85 0.28 14.08
C PRO A 176 24.33 1.38 15.00
N HIS A 177 25.23 2.18 15.61
CA HIS A 177 24.83 3.25 16.53
C HIS A 177 25.36 4.64 16.15
N CYS A 178 25.86 4.81 14.89
CA CYS A 178 26.41 6.07 14.34
C CYS A 178 27.67 6.51 15.10
N GLU A 179 28.60 5.58 15.35
CA GLU A 179 29.83 5.84 16.10
C GLU A 179 31.04 6.00 15.18
N GLY A 180 31.16 5.13 14.17
CA GLY A 180 32.25 5.10 13.20
C GLY A 180 32.38 6.34 12.32
N THR A 181 33.56 6.50 11.68
CA THR A 181 33.86 7.63 10.78
C THR A 181 34.37 7.19 9.41
N PCF B . -14.70 -12.41 0.81
P PCF B . -12.20 -10.59 3.46
O11 PCF B . -11.48 -9.19 3.15
O12 PCF B . -11.50 -11.70 2.71
O13 PCF B . -13.68 -10.45 2.83
O14 PCF B . -12.37 -10.69 4.96
C11 PCF B . -13.88 -10.13 1.45
C12 PCF B . -13.67 -11.37 0.58
C13 PCF B . -15.17 -12.94 -0.48
C14 PCF B . -15.83 -11.82 1.54
C15 PCF B . -14.11 -13.49 1.60
C1 PCF B . -11.03 -8.40 4.25
C2 PCF B . -10.07 -7.30 3.81
C3 PCF B . -8.74 -7.48 4.53
O31 PCF B . -7.90 -6.37 4.22
O32 PCF B . -7.59 -5.82 6.45
C31 PCF B . -7.30 -5.59 5.30
C32 PCF B . -6.32 -4.49 4.96
C33 PCF B . -7.08 -3.18 4.86
C34 PCF B . -6.31 -2.17 4.00
C35 PCF B . -6.05 -2.65 2.58
C36 PCF B . -6.02 -1.47 1.62
C37 PCF B . -4.66 -0.78 1.52
C38 PCF B . -4.62 0.36 0.50
C39 PCF B . -4.84 -0.05 -0.97
C40 PCF B . -6.32 0.12 -1.29
C41 PCF B . -6.57 0.29 -2.79
C42 PCF B . -6.34 -1.03 -3.54
C43 PCF B . -5.99 -0.81 -5.02
O21 PCF B . -9.85 -7.32 2.40
O22 PCF B . -10.92 -5.30 2.30
C21 PCF B . -10.05 -6.01 1.82
C22 PCF B . -9.22 -5.52 0.65
C23 PCF B . -9.10 -4.00 0.72
C24 PCF B . -8.90 -3.36 -0.65
C25 PCF B . -10.24 -2.93 -1.27
C26 PCF B . -10.12 -1.59 -2.00
C27 PCF B . -10.85 -1.50 -3.34
C28 PCF B . -9.98 -1.04 -4.51
C29 PCF B . -10.60 -1.18 -5.90
C30 PCF B . -9.77 -0.43 -6.93
C47 PCF B . -10.34 -0.56 -8.35
C48 PCF B . -9.43 0.13 -9.37
C49 PCF B . -8.25 -0.73 -9.85
C50 PCF B . -8.64 -1.93 -10.74
C51 PCF B . -7.41 -2.74 -11.15
C52 PCF B . -7.67 -3.82 -12.21
C44 PCF B . -4.50 -0.99 -5.31
C45 PCF B . -4.22 -1.43 -6.75
C46 PCF B . -2.77 -1.85 -6.97
C1 NAG C . 5.38 -9.38 -1.84
C2 NAG C . 5.84 -10.55 -0.97
C3 NAG C . 7.37 -10.50 -0.99
C4 NAG C . 7.81 -10.67 -2.46
C5 NAG C . 7.24 -9.50 -3.27
C6 NAG C . 7.60 -9.64 -4.75
C7 NAG C . 4.34 -11.11 0.92
C8 NAG C . 3.87 -10.86 2.32
N2 NAG C . 5.35 -10.36 0.40
O3 NAG C . 7.88 -11.58 -0.20
O4 NAG C . 9.24 -10.62 -2.52
O5 NAG C . 5.82 -9.54 -3.19
O6 NAG C . 8.30 -10.86 -5.02
O7 NAG C . 3.82 -11.99 0.26
NA NA D . 19.13 8.69 19.00
#